data_7R5I
#
_entry.id   7R5I
#
_cell.length_a   58.310
_cell.length_b   82.587
_cell.length_c   98.002
_cell.angle_alpha   90.000
_cell.angle_beta   90.000
_cell.angle_gamma   90.000
#
_symmetry.space_group_name_H-M   'P 21 21 21'
#
loop_
_entity.id
_entity.type
_entity.pdbx_description
1 polymer 'Exosporium protein'
2 polymer GLN-GLU-ASP-PHE-SER-SER-ASP-SER-SER-PHE-SER
3 non-polymer GLYCEROL
4 non-polymer 'CALCIUM ION'
5 water water
#
loop_
_entity_poly.entity_id
_entity_poly.type
_entity_poly.pdbx_seq_one_letter_code
_entity_poly.pdbx_strand_id
1 'polypeptide(L)'
;MELFSSDSEFTKIDSEAKPASTLPAFGFAFNASAPQFASLFTPLLLPSVSPNPNITVPVINDTVSVGDGIRILRAGIYQI
SYTLTISLDNVPTAPEAGRFFLSLNTPANIIPGSGTAVRSNVIGTGEVDVSSGVILINLNPGDLIQIVPVELIGTVDIRA
AALTVAQISRPHHHHHH
;
A,B,C
2 'polypeptide(L)' QEDFSSDSSFS E
#
loop_
_chem_comp.id
_chem_comp.type
_chem_comp.name
_chem_comp.formula
CA non-polymer 'CALCIUM ION' 'Ca 2'
GOL non-polymer GLYCEROL 'C3 H8 O3'
#
# COMPACT_ATOMS: atom_id res chain seq x y z
N THR A 22 21.66 -13.02 7.13
CA THR A 22 20.76 -13.35 5.97
C THR A 22 19.92 -12.11 5.59
N LEU A 23 19.83 -11.76 4.30
CA LEU A 23 18.99 -10.61 3.88
C LEU A 23 17.63 -11.12 3.42
N PRO A 24 16.55 -10.35 3.59
CA PRO A 24 15.26 -10.74 3.00
C PRO A 24 15.36 -10.79 1.47
N ALA A 25 14.55 -11.65 0.86
CA ALA A 25 14.39 -11.63 -0.60
C ALA A 25 13.47 -10.47 -0.95
N PHE A 26 13.72 -9.84 -2.11
CA PHE A 26 12.87 -8.74 -2.54
C PHE A 26 13.07 -8.48 -4.05
N GLY A 27 12.14 -7.76 -4.62
CA GLY A 27 12.34 -7.26 -5.98
C GLY A 27 11.36 -6.14 -6.23
N PHE A 28 11.82 -5.20 -7.08
CA PHE A 28 11.01 -4.09 -7.56
C PHE A 28 11.21 -4.02 -9.10
N ALA A 29 10.13 -4.27 -9.81
CA ALA A 29 10.22 -4.32 -11.30
C ALA A 29 9.20 -3.33 -11.82
N PHE A 30 9.62 -2.46 -12.77
CA PHE A 30 8.74 -1.38 -13.16
C PHE A 30 8.92 -1.06 -14.66
N ASN A 31 7.96 -0.28 -15.11
CA ASN A 31 8.00 0.31 -16.47
C ASN A 31 7.65 1.79 -16.28
N ALA A 32 8.59 2.67 -16.63
CA ALA A 32 8.31 4.10 -16.54
C ALA A 32 8.34 4.75 -17.90
N SER A 33 8.87 4.07 -18.91
CA SER A 33 9.19 4.81 -20.17
C SER A 33 8.72 4.11 -21.42
N ALA A 34 7.88 3.10 -21.35
CA ALA A 34 7.46 2.30 -22.52
C ALA A 34 6.00 1.95 -22.37
N PRO A 35 5.07 2.82 -22.76
CA PRO A 35 3.65 2.54 -22.66
C PRO A 35 3.29 1.22 -23.37
N GLN A 36 2.24 0.60 -22.93
CA GLN A 36 1.72 -0.65 -23.48
C GLN A 36 0.22 -0.66 -23.41
N PHE A 37 -0.44 -1.12 -24.49
CA PHE A 37 -1.87 -1.27 -24.47
C PHE A 37 -2.21 -2.59 -23.76
N ALA A 38 -3.06 -2.50 -22.77
CA ALA A 38 -3.49 -3.69 -22.02
C ALA A 38 -4.25 -4.66 -22.93
N SER A 39 -4.17 -5.94 -22.61
CA SER A 39 -5.04 -6.97 -23.19
C SER A 39 -5.41 -7.99 -22.12
N LEU A 40 -6.56 -8.60 -22.26
CA LEU A 40 -7.04 -9.48 -21.18
C LEU A 40 -6.08 -10.64 -20.92
N PHE A 41 -5.76 -10.81 -19.66
CA PHE A 41 -4.92 -11.91 -19.21
C PHE A 41 -3.52 -11.93 -19.80
N THR A 42 -3.06 -10.75 -20.26
CA THR A 42 -1.68 -10.61 -20.73
C THR A 42 -0.86 -9.92 -19.66
N PRO A 43 0.15 -10.55 -19.08
CA PRO A 43 0.97 -9.89 -18.06
C PRO A 43 1.64 -8.65 -18.59
N LEU A 44 1.66 -7.61 -17.76
CA LEU A 44 2.29 -6.35 -18.16
C LEU A 44 3.80 -6.44 -18.14
N LEU A 45 4.43 -5.76 -19.11
CA LEU A 45 5.87 -5.74 -19.22
C LEU A 45 6.45 -4.79 -18.15
N LEU A 46 7.54 -5.25 -17.52
CA LEU A 46 8.22 -4.59 -16.41
C LEU A 46 9.72 -4.71 -16.61
N PRO A 47 10.29 -3.86 -17.47
CA PRO A 47 11.66 -4.03 -17.90
C PRO A 47 12.77 -3.52 -16.98
N SER A 48 12.40 -2.70 -15.99
N SER A 48 12.41 -2.69 -16.01
CA SER A 48 13.38 -1.96 -15.17
CA SER A 48 13.45 -2.06 -15.17
C SER A 48 13.39 -2.45 -13.72
C SER A 48 13.43 -2.59 -13.74
N VAL A 49 14.58 -2.50 -13.12
CA VAL A 49 14.69 -2.92 -11.69
C VAL A 49 15.50 -1.92 -10.87
N SER A 50 15.81 -0.73 -11.42
CA SER A 50 16.72 0.21 -10.76
C SER A 50 16.02 1.56 -10.62
N PRO A 51 15.24 1.77 -9.55
CA PRO A 51 14.41 2.97 -9.46
C PRO A 51 15.10 4.25 -9.00
N ASN A 52 16.28 4.15 -8.38
CA ASN A 52 16.94 5.34 -7.82
C ASN A 52 17.56 6.07 -9.00
N PRO A 53 17.18 7.35 -9.29
CA PRO A 53 17.76 8.10 -10.40
C PRO A 53 19.22 8.55 -10.18
N ASN A 54 19.69 8.59 -8.93
CA ASN A 54 21.02 9.13 -8.48
C ASN A 54 22.06 8.00 -8.46
N ILE A 55 21.73 6.96 -7.72
CA ILE A 55 22.58 5.80 -7.42
C ILE A 55 21.79 4.61 -7.94
N THR A 56 21.95 4.38 -9.24
CA THR A 56 21.03 3.53 -10.02
C THR A 56 21.54 2.10 -9.93
N VAL A 57 20.89 1.28 -9.11
CA VAL A 57 21.32 -0.12 -8.87
C VAL A 57 20.09 -1.02 -8.86
N PRO A 58 20.23 -2.30 -9.23
CA PRO A 58 19.07 -3.19 -9.21
C PRO A 58 18.58 -3.48 -7.80
N VAL A 59 17.30 -3.28 -7.62
CA VAL A 59 16.64 -3.54 -6.30
C VAL A 59 16.03 -4.96 -6.42
N ILE A 60 16.95 -5.91 -6.37
CA ILE A 60 16.65 -7.36 -6.58
C ILE A 60 17.56 -8.11 -5.64
N ASN A 61 16.96 -8.99 -4.82
CA ASN A 61 17.78 -9.89 -3.98
C ASN A 61 17.04 -11.20 -3.88
N ASP A 62 17.62 -12.23 -4.44
CA ASP A 62 17.03 -13.59 -4.36
C ASP A 62 15.61 -13.64 -4.90
N THR A 63 15.34 -12.84 -5.92
CA THR A 63 14.17 -12.99 -6.79
C THR A 63 14.69 -12.82 -8.24
N VAL A 64 13.83 -13.11 -9.21
CA VAL A 64 14.17 -12.93 -10.63
C VAL A 64 13.13 -12.05 -11.26
N SER A 65 13.60 -10.95 -11.91
CA SER A 65 12.70 -10.17 -12.73
C SER A 65 12.73 -10.79 -14.15
N VAL A 66 11.62 -11.37 -14.56
CA VAL A 66 11.60 -12.20 -15.78
C VAL A 66 11.24 -11.38 -17.02
N GLY A 67 10.87 -10.14 -16.89
CA GLY A 67 10.46 -9.25 -17.99
C GLY A 67 9.00 -8.86 -17.92
N ASP A 68 8.15 -9.68 -17.34
CA ASP A 68 6.72 -9.43 -17.15
C ASP A 68 6.30 -9.92 -15.76
N GLY A 69 7.21 -9.79 -14.78
CA GLY A 69 6.86 -10.18 -13.39
C GLY A 69 8.06 -10.57 -12.63
N ILE A 70 7.81 -10.99 -11.37
CA ILE A 70 8.91 -11.32 -10.44
C ILE A 70 8.67 -12.78 -9.97
N ARG A 71 9.72 -13.57 -10.08
N ARG A 71 9.72 -13.57 -10.08
CA ARG A 71 9.69 -14.96 -9.63
CA ARG A 71 9.71 -14.96 -9.64
C ARG A 71 10.45 -15.07 -8.31
C ARG A 71 10.44 -15.05 -8.30
N ILE A 72 9.80 -15.76 -7.38
CA ILE A 72 10.33 -16.10 -6.05
C ILE A 72 11.35 -17.19 -6.15
N LEU A 73 12.39 -17.14 -5.34
CA LEU A 73 13.40 -18.20 -5.26
C LEU A 73 13.44 -18.90 -3.89
N ARG A 74 12.99 -18.20 -2.83
N ARG A 74 12.84 -18.27 -2.87
CA ARG A 74 13.04 -18.71 -1.44
CA ARG A 74 13.01 -18.63 -1.45
C ARG A 74 11.61 -18.75 -0.89
C ARG A 74 11.63 -18.73 -0.84
N ALA A 75 11.23 -19.87 -0.29
CA ALA A 75 9.90 -19.94 0.34
C ALA A 75 9.80 -18.92 1.50
N GLY A 76 8.63 -18.32 1.60
CA GLY A 76 8.44 -17.37 2.71
C GLY A 76 7.09 -16.74 2.64
N ILE A 77 6.81 -15.87 3.61
CA ILE A 77 5.65 -14.97 3.55
C ILE A 77 6.13 -13.67 2.95
N TYR A 78 5.45 -13.23 1.89
CA TYR A 78 5.82 -12.03 1.16
C TYR A 78 4.69 -11.05 1.23
N GLN A 79 5.09 -9.74 1.15
CA GLN A 79 4.14 -8.67 0.80
C GLN A 79 4.28 -8.41 -0.73
N ILE A 80 3.14 -8.37 -1.37
CA ILE A 80 3.11 -8.10 -2.82
C ILE A 80 2.11 -7.00 -3.03
N SER A 81 2.41 -6.12 -4.04
CA SER A 81 1.55 -4.97 -4.32
C SER A 81 2.03 -4.37 -5.68
N TYR A 82 1.18 -3.50 -6.23
CA TYR A 82 1.58 -2.90 -7.52
C TYR A 82 0.88 -1.57 -7.68
N THR A 83 1.39 -0.87 -8.71
N THR A 83 1.34 -0.82 -8.69
CA THR A 83 0.83 0.40 -9.19
CA THR A 83 0.69 0.43 -9.12
C THR A 83 0.68 0.37 -10.71
C THR A 83 0.79 0.53 -10.65
N LEU A 84 -0.20 1.23 -11.15
CA LEU A 84 -0.33 1.49 -12.60
C LEU A 84 -0.66 2.96 -12.88
N THR A 85 -0.21 3.46 -14.04
CA THR A 85 -0.61 4.80 -14.51
C THR A 85 -1.36 4.54 -15.82
N ILE A 86 -2.60 4.99 -15.93
CA ILE A 86 -3.42 4.63 -17.13
C ILE A 86 -3.94 5.88 -17.84
N SER A 87 -3.92 5.86 -19.17
N SER A 87 -3.93 5.86 -19.17
CA SER A 87 -4.46 7.00 -19.96
CA SER A 87 -4.44 7.01 -19.96
C SER A 87 -5.65 6.53 -20.79
C SER A 87 -5.62 6.54 -20.82
N PRO A 95 -18.13 4.82 -22.61
CA PRO A 95 -17.39 4.73 -21.34
C PRO A 95 -16.20 3.76 -21.44
N GLU A 96 -15.14 4.02 -20.68
CA GLU A 96 -13.94 3.16 -20.72
C GLU A 96 -13.63 2.65 -19.30
N ALA A 97 -13.05 1.47 -19.19
CA ALA A 97 -12.79 0.89 -17.85
C ALA A 97 -11.63 -0.11 -17.92
N GLY A 98 -10.91 -0.27 -16.81
CA GLY A 98 -9.84 -1.27 -16.73
C GLY A 98 -9.81 -1.87 -15.34
N ARG A 99 -9.79 -3.20 -15.24
CA ARG A 99 -9.67 -3.87 -13.93
C ARG A 99 -8.42 -4.75 -13.97
N PHE A 100 -7.64 -4.77 -12.89
CA PHE A 100 -6.38 -5.49 -12.87
C PHE A 100 -6.28 -6.25 -11.56
N PHE A 101 -5.56 -7.35 -11.56
CA PHE A 101 -5.20 -8.14 -10.37
C PHE A 101 -3.76 -8.57 -10.47
N LEU A 102 -3.21 -9.06 -9.35
CA LEU A 102 -2.02 -9.86 -9.38
C LEU A 102 -2.42 -11.32 -9.61
N SER A 103 -1.58 -12.03 -10.35
CA SER A 103 -1.79 -13.45 -10.59
C SER A 103 -0.59 -14.22 -10.05
N LEU A 104 -0.86 -15.50 -9.70
CA LEU A 104 0.15 -16.44 -9.22
C LEU A 104 0.36 -17.54 -10.29
N ASN A 105 1.54 -17.53 -10.86
CA ASN A 105 2.02 -18.50 -11.86
C ASN A 105 1.33 -18.45 -13.22
N THR A 106 0.04 -18.38 -13.28
CA THR A 106 -0.67 -18.26 -14.55
C THR A 106 -1.66 -17.11 -14.48
N PRO A 107 -1.85 -16.40 -15.58
CA PRO A 107 -2.63 -15.16 -15.50
C PRO A 107 -4.05 -15.26 -14.96
N ALA A 108 -4.75 -16.36 -15.18
CA ALA A 108 -6.14 -16.46 -14.70
C ALA A 108 -6.16 -16.66 -13.17
N ASN A 109 -5.03 -17.06 -12.59
CA ASN A 109 -4.99 -17.46 -11.17
C ASN A 109 -4.82 -16.19 -10.27
N ILE A 110 -5.86 -15.40 -10.23
CA ILE A 110 -5.75 -14.09 -9.56
C ILE A 110 -5.79 -14.24 -8.04
N ILE A 111 -5.15 -13.27 -7.39
CA ILE A 111 -4.94 -13.29 -5.91
C ILE A 111 -5.96 -12.37 -5.29
N PRO A 112 -6.70 -12.81 -4.24
CA PRO A 112 -7.66 -11.91 -3.59
C PRO A 112 -6.96 -10.72 -2.91
N GLY A 113 -7.68 -9.58 -2.95
CA GLY A 113 -7.17 -8.38 -2.33
C GLY A 113 -6.34 -7.53 -3.26
N SER A 114 -6.03 -8.02 -4.47
CA SER A 114 -5.07 -7.36 -5.35
C SER A 114 -5.74 -6.54 -6.46
N GLY A 115 -7.01 -6.27 -6.37
CA GLY A 115 -7.70 -5.53 -7.44
C GLY A 115 -7.32 -4.06 -7.50
N THR A 116 -7.37 -3.52 -8.73
CA THR A 116 -7.24 -2.06 -8.95
C THR A 116 -8.24 -1.78 -10.08
N ALA A 117 -8.82 -0.58 -10.14
CA ALA A 117 -9.86 -0.36 -11.18
C ALA A 117 -9.93 1.11 -11.62
N VAL A 118 -10.10 1.34 -12.91
N VAL A 118 -10.10 1.34 -12.91
CA VAL A 118 -10.25 2.73 -13.44
CA VAL A 118 -10.25 2.73 -13.44
C VAL A 118 -11.49 2.75 -14.34
C VAL A 118 -11.49 2.75 -14.34
N ARG A 119 -12.45 3.61 -14.00
CA ARG A 119 -13.70 3.70 -14.80
C ARG A 119 -13.96 5.17 -15.14
N SER A 120 -14.16 5.47 -16.43
CA SER A 120 -14.39 6.87 -16.86
C SER A 120 -15.59 6.92 -17.81
N GLY A 126 -6.70 12.90 -18.85
CA GLY A 126 -5.36 12.91 -18.24
C GLY A 126 -4.95 11.57 -17.66
N GLU A 127 -3.69 11.45 -17.20
CA GLU A 127 -3.18 10.16 -16.66
C GLU A 127 -3.80 9.88 -15.28
N VAL A 128 -4.26 8.64 -15.07
N VAL A 128 -4.26 8.63 -15.07
CA VAL A 128 -4.86 8.25 -13.76
CA VAL A 128 -4.86 8.25 -13.76
C VAL A 128 -3.94 7.24 -13.08
C VAL A 128 -3.95 7.23 -13.08
N ASP A 129 -3.63 7.47 -11.81
CA ASP A 129 -2.76 6.53 -11.05
C ASP A 129 -3.62 5.63 -10.17
N VAL A 130 -3.32 4.34 -10.12
CA VAL A 130 -4.04 3.42 -9.21
C VAL A 130 -2.98 2.65 -8.40
N SER A 131 -3.33 2.27 -7.18
CA SER A 131 -2.40 1.46 -6.36
C SER A 131 -3.18 0.34 -5.68
N SER A 132 -2.64 -0.87 -5.73
CA SER A 132 -3.25 -1.99 -5.00
C SER A 132 -3.04 -1.81 -3.49
N GLY A 133 -3.68 -2.68 -2.73
CA GLY A 133 -3.28 -2.92 -1.35
C GLY A 133 -2.03 -3.78 -1.30
N VAL A 134 -1.64 -4.05 -0.04
CA VAL A 134 -0.47 -4.87 0.25
C VAL A 134 -0.99 -6.24 0.64
N ILE A 135 -0.73 -7.27 -0.10
CA ILE A 135 -1.23 -8.62 0.17
C ILE A 135 -0.10 -9.38 0.80
N LEU A 136 -0.40 -10.06 1.96
CA LEU A 136 0.59 -10.98 2.55
C LEU A 136 0.23 -12.43 2.11
N ILE A 137 1.21 -13.16 1.60
CA ILE A 137 0.87 -14.49 1.04
C ILE A 137 2.08 -15.42 1.13
N ASN A 138 1.82 -16.70 1.36
CA ASN A 138 2.91 -17.70 1.36
C ASN A 138 3.29 -17.94 -0.10
N LEU A 139 4.58 -17.90 -0.42
CA LEU A 139 5.02 -18.21 -1.80
C LEU A 139 6.15 -19.25 -1.72
N ASN A 140 6.21 -20.13 -2.73
CA ASN A 140 7.26 -21.17 -2.78
C ASN A 140 8.27 -20.83 -3.87
N PRO A 141 9.47 -21.43 -3.87
CA PRO A 141 10.43 -21.21 -4.95
C PRO A 141 9.76 -21.44 -6.31
N GLY A 142 9.98 -20.54 -7.26
CA GLY A 142 9.41 -20.64 -8.58
C GLY A 142 8.13 -19.88 -8.79
N ASP A 143 7.44 -19.46 -7.73
CA ASP A 143 6.18 -18.76 -7.89
C ASP A 143 6.40 -17.43 -8.61
N LEU A 144 5.56 -17.19 -9.61
CA LEU A 144 5.72 -16.05 -10.52
C LEU A 144 4.52 -15.13 -10.36
N ILE A 145 4.83 -13.88 -9.88
CA ILE A 145 3.81 -12.87 -9.62
C ILE A 145 3.80 -11.90 -10.83
N GLN A 146 2.60 -11.68 -11.34
CA GLN A 146 2.42 -10.82 -12.55
C GLN A 146 1.22 -9.93 -12.34
N ILE A 147 1.20 -8.82 -13.09
CA ILE A 147 0.03 -7.92 -13.08
C ILE A 147 -0.78 -8.22 -14.35
N VAL A 148 -2.04 -8.49 -14.22
CA VAL A 148 -2.87 -8.88 -15.38
C VAL A 148 -4.13 -8.07 -15.44
N PRO A 149 -4.49 -7.62 -16.68
CA PRO A 149 -5.81 -7.09 -16.85
C PRO A 149 -6.88 -8.16 -16.85
N VAL A 150 -8.03 -7.91 -16.21
CA VAL A 150 -9.14 -8.88 -16.14
C VAL A 150 -10.41 -8.32 -16.73
N GLU A 151 -10.49 -7.01 -16.98
N GLU A 151 -10.49 -7.00 -16.92
CA GLU A 151 -11.68 -6.39 -17.62
CA GLU A 151 -11.65 -6.35 -17.58
C GLU A 151 -11.20 -5.14 -18.32
C GLU A 151 -11.10 -5.16 -18.35
N LEU A 152 -11.57 -4.97 -19.59
CA LEU A 152 -11.16 -3.82 -20.40
C LEU A 152 -12.35 -3.39 -21.25
N ILE A 153 -12.55 -2.10 -21.29
CA ILE A 153 -13.50 -1.44 -22.21
C ILE A 153 -12.78 -0.21 -22.74
N GLY A 154 -12.77 -0.04 -24.05
CA GLY A 154 -12.10 1.13 -24.63
C GLY A 154 -10.64 0.86 -24.85
N THR A 155 -9.87 1.93 -25.08
N THR A 155 -9.87 1.93 -25.07
CA THR A 155 -8.42 1.78 -25.30
CA THR A 155 -8.42 1.78 -25.30
C THR A 155 -7.70 2.09 -23.99
C THR A 155 -7.70 2.09 -23.99
N VAL A 156 -7.22 1.05 -23.31
CA VAL A 156 -6.53 1.25 -21.99
C VAL A 156 -5.04 1.22 -22.24
N ASP A 157 -4.41 2.39 -22.12
CA ASP A 157 -2.96 2.53 -22.36
C ASP A 157 -2.26 2.57 -21.00
N ILE A 158 -1.43 1.57 -20.74
CA ILE A 158 -0.67 1.53 -19.47
C ILE A 158 0.60 2.33 -19.69
N ARG A 159 0.60 3.55 -19.17
CA ARG A 159 1.75 4.47 -19.35
C ARG A 159 2.89 4.07 -18.43
N ALA A 160 2.55 3.45 -17.29
CA ALA A 160 3.58 3.04 -16.31
C ALA A 160 3.01 1.94 -15.42
N ALA A 161 3.92 1.12 -14.90
CA ALA A 161 3.48 0.03 -13.99
C ALA A 161 4.64 -0.24 -13.10
N ALA A 162 4.34 -0.81 -11.87
CA ALA A 162 5.43 -1.23 -10.99
C ALA A 162 4.92 -2.33 -10.04
N LEU A 163 5.76 -3.31 -9.85
CA LEU A 163 5.43 -4.46 -9.00
C LEU A 163 6.47 -4.53 -7.87
N THR A 164 5.94 -4.69 -6.63
CA THR A 164 6.74 -4.72 -5.40
C THR A 164 6.55 -6.11 -4.69
N VAL A 165 7.69 -6.73 -4.45
CA VAL A 165 7.69 -8.04 -3.75
C VAL A 165 8.73 -7.93 -2.67
N ALA A 166 8.36 -8.22 -1.39
CA ALA A 166 9.37 -8.20 -0.32
C ALA A 166 9.04 -9.28 0.74
N GLN A 167 10.05 -10.02 1.10
CA GLN A 167 9.85 -11.08 2.10
C GLN A 167 9.63 -10.47 3.48
N ILE A 168 8.56 -10.92 4.13
N ILE A 168 8.59 -10.92 4.16
CA ILE A 168 8.21 -10.59 5.56
CA ILE A 168 8.44 -10.46 5.57
C ILE A 168 8.90 -11.59 6.47
C ILE A 168 8.73 -11.60 6.54
N SER A 169 8.80 -12.87 6.15
CA SER A 169 9.15 -13.97 7.07
C SER A 169 9.64 -15.18 6.31
N ARG A 170 10.45 -15.98 6.97
CA ARG A 170 10.66 -17.37 6.58
C ARG A 170 9.33 -18.10 6.80
N PRO A 171 9.17 -19.33 6.29
CA PRO A 171 7.94 -20.05 6.52
C PRO A 171 7.69 -20.26 8.03
N HIS A 172 6.44 -20.06 8.38
CA HIS A 172 6.00 -20.06 9.80
C HIS A 172 5.34 -21.38 10.19
N HIS A 173 5.39 -22.41 9.35
CA HIS A 173 4.91 -23.77 9.67
C HIS A 173 5.87 -24.47 10.65
N HIS A 174 5.42 -25.54 11.30
CA HIS A 174 6.18 -26.20 12.40
C HIS A 174 7.43 -26.93 11.89
N THR B 22 13.35 -15.25 16.25
CA THR B 22 11.97 -15.76 16.10
C THR B 22 11.38 -15.07 14.86
N LEU B 23 10.10 -15.30 14.58
N LEU B 23 10.11 -15.36 14.56
CA LEU B 23 9.48 -14.77 13.36
CA LEU B 23 9.40 -14.84 13.37
C LEU B 23 8.69 -13.52 13.68
C LEU B 23 8.81 -13.48 13.72
N PRO B 24 8.61 -12.58 12.73
CA PRO B 24 7.78 -11.40 12.95
C PRO B 24 6.34 -11.83 13.19
N ALA B 25 5.59 -11.02 13.91
CA ALA B 25 4.14 -11.17 13.97
C ALA B 25 3.50 -10.61 12.70
N PHE B 26 2.45 -11.25 12.23
CA PHE B 26 1.72 -10.75 11.05
C PHE B 26 0.36 -11.38 10.96
N GLY B 27 -0.50 -10.78 10.19
CA GLY B 27 -1.80 -11.35 9.85
C GLY B 27 -2.36 -10.70 8.61
N PHE B 28 -3.07 -11.51 7.84
CA PHE B 28 -3.81 -11.06 6.67
C PHE B 28 -5.21 -11.63 6.79
N ALA B 29 -6.21 -10.80 6.96
CA ALA B 29 -7.62 -11.20 7.14
C ALA B 29 -8.45 -10.55 6.06
N PHE B 30 -9.24 -11.34 5.35
CA PHE B 30 -9.94 -10.78 4.21
C PHE B 30 -11.29 -11.42 4.03
N ASN B 31 -12.06 -10.79 3.16
N ASN B 31 -12.03 -10.79 3.15
CA ASN B 31 -13.39 -11.26 2.71
CA ASN B 31 -13.37 -11.20 2.69
C ASN B 31 -13.41 -11.14 1.19
C ASN B 31 -13.35 -11.13 1.17
N ALA B 32 -13.46 -12.26 0.49
CA ALA B 32 -13.55 -12.26 -0.97
C ALA B 32 -14.82 -12.92 -1.43
N SER B 33 -15.66 -13.48 -0.58
CA SER B 33 -16.76 -14.31 -1.14
C SER B 33 -18.08 -14.07 -0.40
N ALA B 34 -18.19 -13.01 0.38
CA ALA B 34 -19.44 -12.71 1.11
C ALA B 34 -19.63 -11.20 1.20
N PRO B 35 -20.27 -10.58 0.20
CA PRO B 35 -20.52 -9.14 0.25
C PRO B 35 -21.29 -8.77 1.52
N GLN B 36 -21.06 -7.51 1.94
CA GLN B 36 -21.66 -6.96 3.17
C GLN B 36 -22.00 -5.50 2.90
N PHE B 37 -23.14 -5.04 3.40
CA PHE B 37 -23.47 -3.60 3.39
C PHE B 37 -22.73 -2.92 4.54
N ALA B 38 -22.11 -1.79 4.24
CA ALA B 38 -21.43 -0.95 5.24
C ALA B 38 -22.49 -0.39 6.20
N SER B 39 -22.13 -0.32 7.47
N SER B 39 -22.13 -0.32 7.47
CA SER B 39 -22.90 0.36 8.53
CA SER B 39 -22.88 0.43 8.50
C SER B 39 -21.96 1.28 9.32
C SER B 39 -21.92 1.31 9.29
N LEU B 40 -22.40 2.50 9.70
CA LEU B 40 -21.54 3.46 10.39
C LEU B 40 -20.90 2.78 11.62
N PHE B 41 -19.59 2.92 11.72
CA PHE B 41 -18.81 2.50 12.90
C PHE B 41 -19.01 1.02 13.20
N THR B 42 -19.29 0.21 12.19
CA THR B 42 -19.45 -1.25 12.35
C THR B 42 -18.28 -1.91 11.65
N PRO B 43 -17.37 -2.59 12.38
CA PRO B 43 -16.23 -3.26 11.76
C PRO B 43 -16.62 -4.20 10.61
N LEU B 44 -15.87 -4.16 9.54
CA LEU B 44 -16.13 -5.05 8.40
C LEU B 44 -15.73 -6.50 8.74
N LEU B 45 -16.53 -7.43 8.24
CA LEU B 45 -16.30 -8.86 8.44
C LEU B 45 -15.16 -9.32 7.55
N LEU B 46 -14.23 -10.09 8.10
CA LEU B 46 -13.02 -10.55 7.47
C LEU B 46 -12.82 -12.02 7.87
N PRO B 47 -13.53 -12.96 7.18
CA PRO B 47 -13.55 -14.34 7.68
C PRO B 47 -12.40 -15.23 7.27
N SER B 48 -11.63 -14.85 6.24
N SER B 48 -11.58 -14.78 6.31
CA SER B 48 -10.56 -15.74 5.73
CA SER B 48 -10.58 -15.65 5.66
C SER B 48 -9.20 -15.20 6.10
C SER B 48 -9.16 -15.19 6.02
N VAL B 49 -8.24 -16.10 6.15
CA VAL B 49 -6.81 -15.82 6.41
C VAL B 49 -5.87 -16.50 5.43
N SER B 50 -6.41 -17.15 4.36
CA SER B 50 -5.59 -18.04 3.51
C SER B 50 -5.73 -17.62 2.07
N PRO B 51 -4.98 -16.59 1.59
CA PRO B 51 -5.18 -16.05 0.24
C PRO B 51 -4.59 -16.85 -0.93
N ASN B 52 -3.66 -17.77 -0.63
CA ASN B 52 -3.01 -18.55 -1.71
C ASN B 52 -4.02 -19.58 -2.24
N PRO B 53 -4.42 -19.52 -3.53
CA PRO B 53 -5.43 -20.43 -4.07
C PRO B 53 -4.93 -21.86 -4.29
N ASN B 54 -3.61 -22.06 -4.33
CA ASN B 54 -3.04 -23.40 -4.64
C ASN B 54 -2.57 -24.08 -3.36
N ILE B 55 -1.76 -23.40 -2.56
CA ILE B 55 -1.30 -23.95 -1.25
C ILE B 55 -2.01 -23.11 -0.18
N THR B 56 -3.20 -23.53 0.22
CA THR B 56 -4.03 -22.71 1.14
C THR B 56 -3.55 -22.90 2.58
N VAL B 57 -2.87 -21.88 3.12
CA VAL B 57 -2.37 -21.93 4.52
C VAL B 57 -2.73 -20.61 5.22
N PRO B 58 -2.93 -20.61 6.55
CA PRO B 58 -3.27 -19.38 7.27
C PRO B 58 -2.08 -18.43 7.34
N VAL B 59 -2.25 -17.21 6.82
CA VAL B 59 -1.16 -16.21 6.85
C VAL B 59 -1.32 -15.39 8.12
N ILE B 60 -1.02 -16.07 9.22
CA ILE B 60 -1.22 -15.60 10.61
C ILE B 60 -0.03 -16.09 11.39
N ASN B 61 0.65 -15.21 12.11
CA ASN B 61 1.70 -15.66 13.04
C ASN B 61 1.69 -14.68 14.20
N ASP B 62 1.35 -15.14 15.42
CA ASP B 62 1.38 -14.31 16.63
C ASP B 62 0.49 -13.09 16.47
N THR B 63 -0.60 -13.22 15.75
CA THR B 63 -1.76 -12.35 15.80
C THR B 63 -3.01 -13.21 15.85
N VAL B 64 -4.17 -12.66 16.07
CA VAL B 64 -5.43 -13.42 16.02
C VAL B 64 -6.39 -12.73 15.11
N SER B 65 -6.90 -13.49 14.14
CA SER B 65 -8.00 -13.00 13.31
C SER B 65 -9.32 -13.30 14.00
N VAL B 66 -10.02 -12.27 14.42
CA VAL B 66 -11.16 -12.46 15.35
C VAL B 66 -12.49 -12.53 14.63
N GLY B 67 -12.51 -12.36 13.32
CA GLY B 67 -13.71 -12.39 12.50
C GLY B 67 -14.01 -11.04 11.87
N ASP B 68 -13.66 -9.96 12.55
CA ASP B 68 -13.86 -8.59 12.04
C ASP B 68 -12.65 -7.75 12.41
N GLY B 69 -11.47 -8.33 12.35
CA GLY B 69 -10.24 -7.62 12.60
C GLY B 69 -9.15 -8.51 13.11
N ILE B 70 -8.03 -7.90 13.42
CA ILE B 70 -6.81 -8.56 13.85
C ILE B 70 -6.42 -8.00 15.21
N ARG B 71 -6.21 -8.94 16.16
N ARG B 71 -6.19 -8.93 16.15
CA ARG B 71 -5.73 -8.62 17.53
CA ARG B 71 -5.73 -8.56 17.50
C ARG B 71 -4.23 -8.89 17.63
C ARG B 71 -4.24 -8.88 17.62
N ILE B 72 -3.50 -7.91 18.19
CA ILE B 72 -2.07 -7.97 18.41
C ILE B 72 -1.79 -8.78 19.68
N LEU B 73 -0.73 -9.56 19.66
CA LEU B 73 -0.26 -10.33 20.79
C LEU B 73 1.08 -9.86 21.30
N ARG B 74 1.97 -9.26 20.48
N ARG B 74 1.84 -9.08 20.54
CA ARG B 74 3.33 -8.85 20.86
CA ARG B 74 3.22 -8.77 20.77
C ARG B 74 3.55 -7.37 20.58
C ARG B 74 3.43 -7.28 20.59
N ALA B 75 4.03 -6.61 21.55
CA ALA B 75 4.35 -5.20 21.39
C ALA B 75 5.33 -5.05 20.22
N GLY B 76 5.18 -3.96 19.49
CA GLY B 76 6.15 -3.69 18.42
C GLY B 76 5.67 -2.53 17.55
N ILE B 77 6.47 -2.29 16.52
CA ILE B 77 6.07 -1.32 15.47
C ILE B 77 5.54 -2.15 14.29
N TYR B 78 4.36 -1.82 13.87
CA TYR B 78 3.66 -2.54 12.78
C TYR B 78 3.39 -1.63 11.61
N GLN B 79 3.36 -2.24 10.43
CA GLN B 79 2.71 -1.65 9.28
C GLN B 79 1.27 -2.15 9.21
N ILE B 80 0.28 -1.32 9.07
CA ILE B 80 -1.10 -1.66 8.90
C ILE B 80 -1.65 -0.95 7.68
N SER B 81 -2.57 -1.61 6.97
CA SER B 81 -3.17 -1.08 5.75
C SER B 81 -4.35 -1.96 5.37
N TYR B 82 -5.15 -1.49 4.43
CA TYR B 82 -6.31 -2.26 4.01
C TYR B 82 -6.73 -1.89 2.60
N THR B 83 -7.60 -2.75 2.07
N THR B 83 -7.60 -2.71 2.02
CA THR B 83 -8.28 -2.62 0.80
CA THR B 83 -8.19 -2.42 0.70
C THR B 83 -9.78 -2.82 0.92
C THR B 83 -9.62 -2.93 0.71
N LEU B 84 -10.48 -2.26 -0.06
CA LEU B 84 -11.88 -2.54 -0.21
C LEU B 84 -12.23 -2.63 -1.69
N THR B 85 -13.26 -3.38 -1.99
CA THR B 85 -13.92 -3.32 -3.30
C THR B 85 -15.37 -2.99 -3.04
N ILE B 86 -15.87 -1.98 -3.69
CA ILE B 86 -17.25 -1.54 -3.55
C ILE B 86 -17.99 -1.78 -4.86
N SER B 87 -19.23 -2.27 -4.77
N SER B 87 -19.21 -2.31 -4.80
CA SER B 87 -20.13 -2.46 -5.94
CA SER B 87 -20.10 -2.41 -5.99
C SER B 87 -20.99 -1.21 -6.00
C SER B 87 -20.97 -1.18 -5.99
N LEU B 88 -20.57 -0.21 -6.82
CA LEU B 88 -21.21 1.12 -6.88
C LEU B 88 -22.39 1.02 -7.83
N ASP B 89 -23.49 1.61 -7.41
CA ASP B 89 -24.60 1.99 -8.33
C ASP B 89 -24.59 3.52 -8.47
N PRO B 95 -27.24 8.62 -5.29
CA PRO B 95 -25.78 8.78 -5.05
C PRO B 95 -25.30 7.92 -3.88
N GLU B 96 -24.06 7.44 -3.99
CA GLU B 96 -23.47 6.48 -3.03
C GLU B 96 -22.05 6.98 -2.75
N ALA B 97 -21.68 7.09 -1.48
CA ALA B 97 -20.33 7.49 -1.08
C ALA B 97 -19.99 6.85 0.26
N GLY B 98 -18.73 6.59 0.52
CA GLY B 98 -18.29 6.12 1.84
C GLY B 98 -16.92 6.64 2.14
N ARG B 99 -16.64 6.80 3.43
CA ARG B 99 -15.29 7.06 3.95
C ARG B 99 -15.01 6.01 5.00
N PHE B 100 -13.82 5.52 5.03
CA PHE B 100 -13.40 4.45 5.94
C PHE B 100 -12.07 4.79 6.57
N PHE B 101 -11.84 4.26 7.78
CA PHE B 101 -10.56 4.36 8.48
C PHE B 101 -10.28 3.01 9.16
N LEU B 102 -9.04 2.85 9.59
CA LEU B 102 -8.73 1.84 10.62
C LEU B 102 -9.00 2.41 12.00
N SER B 103 -9.48 1.57 12.89
CA SER B 103 -9.65 1.91 14.30
C SER B 103 -8.78 1.04 15.19
N LEU B 104 -8.51 1.61 16.36
CA LEU B 104 -7.71 0.96 17.45
C LEU B 104 -8.64 0.67 18.61
N ASN B 105 -8.95 -0.60 18.84
CA ASN B 105 -9.73 -1.14 19.96
C ASN B 105 -11.22 -0.88 19.89
N THR B 106 -11.67 0.34 19.60
CA THR B 106 -13.10 0.63 19.46
C THR B 106 -13.28 1.43 18.16
N PRO B 107 -14.45 1.30 17.49
CA PRO B 107 -14.59 1.88 16.16
C PRO B 107 -14.40 3.38 16.03
N ALA B 108 -14.75 4.15 17.06
CA ALA B 108 -14.60 5.62 16.98
C ALA B 108 -13.13 6.03 17.06
N ASN B 109 -12.25 5.18 17.57
CA ASN B 109 -10.87 5.52 17.89
C ASN B 109 -10.03 5.34 16.62
N ILE B 110 -10.27 6.23 15.65
CA ILE B 110 -9.63 6.10 14.30
C ILE B 110 -8.19 6.50 14.31
N ILE B 111 -7.44 5.89 13.40
CA ILE B 111 -6.00 6.05 13.30
C ILE B 111 -5.68 7.04 12.20
N PRO B 112 -4.90 8.09 12.46
CA PRO B 112 -4.57 9.02 11.38
C PRO B 112 -3.76 8.34 10.29
N GLY B 113 -3.98 8.83 9.06
CA GLY B 113 -3.32 8.28 7.87
C GLY B 113 -3.98 7.06 7.28
N SER B 114 -5.10 6.62 7.81
CA SER B 114 -5.74 5.38 7.37
C SER B 114 -7.03 5.60 6.61
N GLY B 115 -7.30 6.82 6.16
CA GLY B 115 -8.55 7.10 5.46
C GLY B 115 -8.55 6.56 4.02
N THR B 116 -9.70 6.16 3.60
CA THR B 116 -10.02 5.91 2.19
C THR B 116 -11.39 6.46 1.92
N ALA B 117 -11.72 6.63 0.65
CA ALA B 117 -13.03 7.18 0.26
C ALA B 117 -13.44 6.64 -1.10
N VAL B 118 -14.73 6.49 -1.26
N VAL B 118 -14.73 6.49 -1.26
CA VAL B 118 -15.36 6.23 -2.57
CA VAL B 118 -15.37 6.22 -2.57
C VAL B 118 -16.48 7.26 -2.78
C VAL B 118 -16.49 7.26 -2.78
N ARG B 119 -16.49 7.98 -3.92
CA ARG B 119 -17.49 9.07 -4.19
C ARG B 119 -17.76 9.17 -5.70
N GLY B 126 -20.40 -0.69 -11.46
CA GLY B 126 -19.18 -1.51 -11.62
C GLY B 126 -18.42 -1.59 -10.29
N GLU B 127 -17.63 -2.65 -10.11
CA GLU B 127 -16.76 -2.82 -8.91
C GLU B 127 -15.63 -1.79 -9.02
N VAL B 128 -15.41 -1.05 -7.95
CA VAL B 128 -14.23 -0.17 -7.82
C VAL B 128 -13.45 -0.55 -6.56
N ASP B 129 -12.17 -0.40 -6.68
CA ASP B 129 -11.23 -0.82 -5.61
C ASP B 129 -10.62 0.41 -5.01
N VAL B 130 -10.38 0.36 -3.69
CA VAL B 130 -9.64 1.44 -3.00
C VAL B 130 -8.60 0.78 -2.12
N SER B 131 -7.50 1.43 -1.93
CA SER B 131 -6.44 0.94 -1.04
C SER B 131 -6.00 2.10 -0.15
N SER B 132 -5.77 1.81 1.12
CA SER B 132 -5.24 2.79 2.04
C SER B 132 -3.74 2.99 1.84
N GLY B 133 -3.21 4.01 2.53
CA GLY B 133 -1.81 4.03 2.75
C GLY B 133 -1.35 3.00 3.78
N VAL B 134 -0.06 2.95 3.93
CA VAL B 134 0.58 2.09 4.93
C VAL B 134 0.89 2.92 6.16
N ILE B 135 0.32 2.54 7.30
N ILE B 135 0.34 2.58 7.30
CA ILE B 135 0.54 3.24 8.59
CA ILE B 135 0.55 3.35 8.55
C ILE B 135 1.62 2.50 9.37
C ILE B 135 1.56 2.57 9.38
N LEU B 136 2.58 3.24 9.88
CA LEU B 136 3.54 2.65 10.82
C LEU B 136 3.08 3.10 12.20
N ILE B 137 2.95 2.16 13.13
CA ILE B 137 2.35 2.48 14.43
C ILE B 137 2.89 1.51 15.48
N ASN B 138 3.12 2.02 16.68
CA ASN B 138 3.39 1.20 17.87
C ASN B 138 2.08 0.60 18.35
N LEU B 139 2.06 -0.74 18.45
CA LEU B 139 0.90 -1.47 18.94
C LEU B 139 1.36 -2.36 20.12
N ASN B 140 0.37 -2.72 20.92
CA ASN B 140 0.58 -3.41 22.19
C ASN B 140 -0.32 -4.62 22.27
N PRO B 141 -0.01 -5.56 23.21
CA PRO B 141 -0.81 -6.74 23.37
C PRO B 141 -2.26 -6.40 23.64
N GLY B 142 -3.16 -7.06 22.97
CA GLY B 142 -4.59 -6.86 23.07
C GLY B 142 -5.15 -5.84 22.09
N ASP B 143 -4.28 -5.02 21.45
CA ASP B 143 -4.82 -4.01 20.52
C ASP B 143 -5.58 -4.69 19.38
N LEU B 144 -6.72 -4.18 19.05
CA LEU B 144 -7.62 -4.73 18.04
C LEU B 144 -7.77 -3.74 16.87
N ILE B 145 -7.31 -4.14 15.71
CA ILE B 145 -7.30 -3.29 14.49
C ILE B 145 -8.48 -3.71 13.62
N GLN B 146 -9.31 -2.76 13.24
CA GLN B 146 -10.55 -3.02 12.47
C GLN B 146 -10.69 -1.97 11.39
N ILE B 147 -11.45 -2.34 10.35
CA ILE B 147 -11.82 -1.38 9.29
C ILE B 147 -13.21 -0.91 9.56
N VAL B 148 -13.41 0.42 9.67
CA VAL B 148 -14.74 0.97 9.99
C VAL B 148 -15.16 2.03 8.99
N PRO B 149 -16.43 2.01 8.58
CA PRO B 149 -17.00 3.13 7.83
C PRO B 149 -17.24 4.28 8.82
N VAL B 150 -16.85 5.49 8.46
CA VAL B 150 -17.06 6.70 9.30
C VAL B 150 -18.06 7.67 8.68
N GLU B 151 -18.39 7.54 7.41
CA GLU B 151 -19.33 8.40 6.65
C GLU B 151 -19.93 7.51 5.55
N LEU B 152 -21.26 7.55 5.44
CA LEU B 152 -21.98 6.81 4.37
C LEU B 152 -23.10 7.66 3.80
N ILE B 153 -23.15 7.71 2.48
CA ILE B 153 -24.26 8.35 1.72
C ILE B 153 -24.87 7.25 0.88
N GLY B 154 -26.17 7.02 1.04
CA GLY B 154 -26.87 5.93 0.36
C GLY B 154 -26.41 4.57 0.87
N THR B 155 -26.60 3.55 0.06
CA THR B 155 -26.23 2.18 0.43
C THR B 155 -24.84 1.90 -0.18
N VAL B 156 -23.94 1.36 0.63
CA VAL B 156 -22.56 1.05 0.19
C VAL B 156 -22.37 -0.45 0.32
N ASP B 157 -22.19 -1.12 -0.81
CA ASP B 157 -22.07 -2.60 -0.89
C ASP B 157 -20.59 -2.92 -0.97
N ILE B 158 -20.04 -3.48 0.09
N ILE B 158 -20.06 -3.46 0.12
CA ILE B 158 -18.62 -3.88 0.16
CA ILE B 158 -18.65 -3.95 0.24
C ILE B 158 -18.50 -5.32 -0.33
C ILE B 158 -18.58 -5.36 -0.36
N ARG B 159 -18.09 -5.44 -1.59
CA ARG B 159 -17.93 -6.72 -2.27
C ARG B 159 -16.77 -7.53 -1.69
N ALA B 160 -15.73 -6.84 -1.23
CA ALA B 160 -14.52 -7.49 -0.74
C ALA B 160 -13.78 -6.50 0.19
N ALA B 161 -12.98 -7.05 1.09
CA ALA B 161 -12.17 -6.23 1.98
C ALA B 161 -10.97 -7.05 2.44
N ALA B 162 -9.88 -6.39 2.82
CA ALA B 162 -8.71 -7.09 3.31
C ALA B 162 -7.90 -6.19 4.22
N LEU B 163 -7.48 -6.73 5.33
CA LEU B 163 -6.64 -6.06 6.35
C LEU B 163 -5.29 -6.68 6.44
N THR B 164 -4.24 -5.90 6.38
CA THR B 164 -2.87 -6.31 6.42
C THR B 164 -2.16 -5.76 7.65
N VAL B 165 -1.59 -6.65 8.46
CA VAL B 165 -0.82 -6.31 9.67
C VAL B 165 0.50 -6.98 9.62
N ALA B 166 1.62 -6.30 9.71
CA ALA B 166 2.93 -6.94 9.76
C ALA B 166 3.87 -6.19 10.66
N GLN B 167 4.54 -6.91 11.53
CA GLN B 167 5.53 -6.29 12.43
C GLN B 167 6.76 -5.89 11.67
N ILE B 168 7.21 -4.67 11.84
CA ILE B 168 8.51 -4.25 11.27
C ILE B 168 9.62 -4.20 12.30
N SER B 169 9.30 -4.06 13.59
CA SER B 169 10.33 -3.92 14.64
C SER B 169 9.77 -4.32 16.01
N ARG B 170 10.66 -4.75 16.90
N ARG B 170 10.70 -4.70 16.87
CA ARG B 170 10.35 -4.71 18.35
CA ARG B 170 10.49 -4.66 18.34
C ARG B 170 10.25 -3.23 18.75
C ARG B 170 10.24 -3.20 18.75
N PRO B 171 9.72 -2.94 19.96
CA PRO B 171 9.59 -1.55 20.42
C PRO B 171 10.95 -0.88 20.44
N HIS B 172 10.95 0.38 19.98
CA HIS B 172 12.24 1.10 19.81
C HIS B 172 12.48 2.09 20.95
N HIS B 173 13.56 2.85 20.86
N HIS B 173 13.56 2.85 20.86
CA HIS B 173 13.89 3.85 21.92
CA HIS B 173 13.89 3.85 21.92
C HIS B 173 13.26 5.19 21.56
C HIS B 173 13.26 5.20 21.56
N HIS B 174 12.74 5.90 22.57
CA HIS B 174 12.13 7.24 22.33
C HIS B 174 11.98 7.93 23.69
N HIS B 175 11.60 9.20 23.71
CA HIS B 175 11.46 9.95 24.98
C HIS B 175 10.03 10.50 25.12
N THR C 22 20.30 -1.34 16.16
CA THR C 22 19.89 -2.75 16.40
C THR C 22 18.55 -3.01 15.73
N LEU C 23 17.72 -1.97 15.59
CA LEU C 23 16.37 -2.13 14.97
C LEU C 23 16.40 -1.55 13.56
N PRO C 24 15.42 -1.89 12.69
N PRO C 24 15.42 -1.88 12.68
CA PRO C 24 15.37 -1.30 11.36
CA PRO C 24 15.38 -1.30 11.36
C PRO C 24 15.08 0.21 11.42
C PRO C 24 15.07 0.21 11.42
N ALA C 25 15.67 0.99 10.51
CA ALA C 25 15.39 2.44 10.47
C ALA C 25 13.97 2.62 9.92
N PHE C 26 13.23 3.60 10.44
CA PHE C 26 11.88 3.89 9.97
C PHE C 26 11.47 5.29 10.32
N GLY C 27 10.45 5.77 9.71
CA GLY C 27 9.79 7.00 10.09
C GLY C 27 8.41 7.10 9.53
N PHE C 28 7.50 7.71 10.25
CA PHE C 28 6.14 7.99 9.84
C PHE C 28 5.84 9.43 10.14
N ALA C 29 5.64 10.25 9.13
CA ALA C 29 5.45 11.69 9.29
C ALA C 29 4.12 12.04 8.68
N PHE C 30 3.26 12.79 9.34
CA PHE C 30 1.92 13.02 8.86
C PHE C 30 1.41 14.40 9.22
N ASN C 31 0.30 14.75 8.56
CA ASN C 31 -0.40 16.02 8.82
C ASN C 31 -1.87 15.64 8.89
N ALA C 32 -2.49 15.66 10.08
CA ALA C 32 -3.88 15.15 10.19
C ALA C 32 -4.92 16.27 10.19
N SER C 33 -4.56 17.50 10.58
CA SER C 33 -5.61 18.53 10.73
C SER C 33 -5.12 19.94 10.35
N ALA C 34 -4.05 20.05 9.56
CA ALA C 34 -3.59 21.38 9.11
C ALA C 34 -3.60 21.44 7.59
N PRO C 35 -4.76 21.75 6.97
CA PRO C 35 -4.86 21.80 5.51
C PRO C 35 -3.80 22.73 4.90
N GLN C 36 -3.32 22.38 3.71
CA GLN C 36 -2.33 23.22 3.01
C GLN C 36 -2.66 23.22 1.53
N PHE C 37 -2.52 24.37 0.86
CA PHE C 37 -2.73 24.41 -0.60
C PHE C 37 -1.47 23.90 -1.27
N ALA C 38 -1.67 22.99 -2.23
CA ALA C 38 -0.55 22.50 -3.03
C ALA C 38 0.08 23.64 -3.86
N SER C 39 1.38 23.56 -3.98
CA SER C 39 2.15 24.48 -4.84
C SER C 39 3.15 23.64 -5.61
N LEU C 40 3.34 23.93 -6.91
CA LEU C 40 4.19 23.07 -7.75
C LEU C 40 5.55 22.93 -7.14
N PHE C 41 6.00 21.67 -7.00
CA PHE C 41 7.34 21.34 -6.57
C PHE C 41 7.65 21.86 -5.16
N THR C 42 6.63 22.08 -4.35
CA THR C 42 6.80 22.50 -2.95
C THR C 42 6.48 21.28 -2.06
N PRO C 43 7.48 20.81 -1.33
CA PRO C 43 7.24 19.65 -0.42
C PRO C 43 6.09 19.92 0.54
N LEU C 44 5.27 18.91 0.73
CA LEU C 44 4.15 19.03 1.68
C LEU C 44 4.63 18.98 3.13
N LEU C 45 3.97 19.79 3.97
CA LEU C 45 4.25 19.86 5.41
C LEU C 45 3.70 18.62 6.13
N LEU C 46 4.53 18.08 6.99
CA LEU C 46 4.24 16.84 7.73
C LEU C 46 4.75 17.02 9.19
N PRO C 47 3.95 17.67 10.03
CA PRO C 47 4.44 18.10 11.33
C PRO C 47 4.48 17.13 12.50
N SER C 48 3.79 15.90 12.25
CA SER C 48 3.46 14.91 13.38
C SER C 48 4.18 13.65 13.07
N VAL C 49 4.54 12.93 14.11
CA VAL C 49 5.21 11.63 14.04
C VAL C 49 4.59 10.58 14.97
N SER C 50 3.49 10.88 15.64
CA SER C 50 2.97 10.02 16.72
C SER C 50 1.52 9.68 16.49
N PRO C 51 1.26 8.57 15.70
CA PRO C 51 -0.12 8.31 15.29
C PRO C 51 -1.04 7.55 16.25
N ASN C 52 -0.46 6.90 17.27
CA ASN C 52 -1.29 6.05 18.16
C ASN C 52 -2.06 6.97 19.11
N PRO C 53 -3.42 6.94 19.08
CA PRO C 53 -4.23 7.85 19.90
C PRO C 53 -4.23 7.50 21.40
N ASN C 54 -3.74 6.32 21.76
CA ASN C 54 -3.78 5.83 23.16
C ASN C 54 -2.44 5.92 23.84
N ILE C 55 -1.38 5.51 23.14
N ILE C 55 -1.34 5.68 23.15
CA ILE C 55 0.01 5.65 23.62
CA ILE C 55 0.06 5.50 23.65
C ILE C 55 0.78 6.38 22.53
C ILE C 55 0.84 6.34 22.62
N THR C 56 0.94 7.65 22.82
CA THR C 56 1.43 8.62 21.85
C THR C 56 2.95 8.59 21.93
N VAL C 57 3.56 8.00 20.88
CA VAL C 57 5.00 7.95 20.84
C VAL C 57 5.46 8.24 19.42
N PRO C 58 6.65 8.79 19.28
CA PRO C 58 7.14 9.11 17.93
C PRO C 58 7.56 7.83 17.24
N VAL C 59 7.04 7.65 16.04
CA VAL C 59 7.35 6.42 15.24
C VAL C 59 8.50 6.81 14.32
N ILE C 60 9.68 6.92 14.90
CA ILE C 60 10.91 7.41 14.31
C ILE C 60 12.04 6.60 14.87
N ASN C 61 12.86 5.99 14.07
CA ASN C 61 14.06 5.29 14.50
C ASN C 61 15.16 5.48 13.46
N ASP C 62 16.17 6.24 13.78
CA ASP C 62 17.32 6.42 12.88
C ASP C 62 16.88 7.02 11.52
N THR C 63 15.86 7.85 11.55
CA THR C 63 15.56 8.79 10.46
C THR C 63 15.29 10.13 11.12
N VAL C 64 15.15 11.20 10.38
CA VAL C 64 14.78 12.51 10.91
C VAL C 64 13.55 13.02 10.20
N SER C 65 12.52 13.39 10.92
CA SER C 65 11.36 14.09 10.36
C SER C 65 11.69 15.57 10.31
N VAL C 66 11.90 16.15 9.14
CA VAL C 66 12.45 17.53 9.05
C VAL C 66 11.38 18.59 8.96
N GLY C 67 10.14 18.24 8.94
CA GLY C 67 8.99 19.14 8.86
C GLY C 67 8.25 19.05 7.56
N ASP C 68 8.96 18.67 6.49
CA ASP C 68 8.34 18.48 5.17
C ASP C 68 8.99 17.26 4.51
N GLY C 69 9.24 16.23 5.30
CA GLY C 69 9.77 14.99 4.74
C GLY C 69 10.62 14.24 5.73
N ILE C 70 11.20 13.15 5.29
CA ILE C 70 12.00 12.25 6.11
C ILE C 70 13.39 12.15 5.56
N ARG C 71 14.39 12.46 6.34
N ARG C 71 14.39 12.45 6.37
CA ARG C 71 15.80 12.30 5.97
CA ARG C 71 15.81 12.32 6.08
C ARG C 71 16.35 10.98 6.50
C ARG C 71 16.33 10.94 6.52
N ILE C 72 17.04 10.29 5.61
CA ILE C 72 17.69 8.99 5.85
C ILE C 72 19.05 9.22 6.51
N LEU C 73 19.35 8.40 7.51
CA LEU C 73 20.66 8.47 8.21
C LEU C 73 21.41 7.15 7.99
N ARG C 74 20.71 6.10 7.59
CA ARG C 74 21.34 4.75 7.47
C ARG C 74 21.20 4.20 6.05
N ALA C 75 22.31 3.77 5.45
CA ALA C 75 22.24 3.16 4.11
C ALA C 75 21.44 1.86 4.18
N GLY C 76 20.58 1.61 3.19
CA GLY C 76 19.82 0.36 3.14
C GLY C 76 18.80 0.38 2.03
N ILE C 77 18.05 -0.69 1.99
CA ILE C 77 16.88 -0.80 1.10
C ILE C 77 15.66 -0.45 1.89
N TYR C 78 14.86 0.46 1.41
CA TYR C 78 13.69 0.97 2.08
C TYR C 78 12.43 0.74 1.28
N GLN C 79 11.29 0.63 1.92
CA GLN C 79 9.97 0.82 1.37
C GLN C 79 9.52 2.26 1.67
N ILE C 80 9.03 2.95 0.64
CA ILE C 80 8.51 4.31 0.78
C ILE C 80 7.14 4.39 0.16
N SER C 81 6.26 5.17 0.72
CA SER C 81 4.89 5.31 0.23
C SER C 81 4.24 6.52 0.91
N TYR C 82 3.11 6.94 0.42
CA TYR C 82 2.39 8.07 1.01
C TYR C 82 0.93 8.02 0.72
N THR C 83 0.19 8.87 1.42
N THR C 83 0.13 8.86 1.40
CA THR C 83 -1.22 9.14 1.20
CA THR C 83 -1.28 9.03 1.14
C THR C 83 -1.51 10.62 1.25
C THR C 83 -1.67 10.47 1.39
N LEU C 84 -2.64 10.93 0.69
CA LEU C 84 -3.10 12.34 0.77
C LEU C 84 -4.62 12.39 0.89
N THR C 85 -5.13 13.38 1.62
CA THR C 85 -6.60 13.62 1.66
C THR C 85 -6.82 14.97 0.96
N ILE C 86 -7.63 14.98 -0.10
CA ILE C 86 -7.78 16.24 -0.88
C ILE C 86 -9.26 16.63 -0.94
N SER C 87 -9.54 17.93 -0.84
CA SER C 87 -10.93 18.42 -0.96
C SER C 87 -10.99 19.33 -2.19
N LEU C 88 -11.81 18.97 -3.18
CA LEU C 88 -11.82 19.76 -4.44
C LEU C 88 -13.20 20.37 -4.69
N ASP C 89 -13.24 21.58 -5.23
CA ASP C 89 -14.53 22.19 -5.64
C ASP C 89 -14.77 21.67 -7.05
N ASN C 90 -15.96 21.20 -7.41
CA ASN C 90 -16.17 20.91 -8.84
C ASN C 90 -17.02 22.02 -9.44
N VAL C 91 -16.36 23.10 -9.84
CA VAL C 91 -16.91 24.16 -10.72
C VAL C 91 -16.76 23.66 -12.16
N PRO C 92 -17.87 23.31 -12.87
CA PRO C 92 -17.77 22.58 -14.13
C PRO C 92 -16.75 23.18 -15.10
N THR C 93 -16.76 24.52 -15.23
CA THR C 93 -15.93 25.28 -16.21
C THR C 93 -14.54 25.62 -15.62
N ALA C 94 -14.29 25.34 -14.33
CA ALA C 94 -12.98 25.52 -13.66
C ALA C 94 -12.63 24.25 -12.90
N PRO C 95 -12.35 23.12 -13.58
CA PRO C 95 -12.02 21.87 -12.89
C PRO C 95 -10.69 21.99 -12.15
N GLU C 96 -10.52 21.25 -11.04
CA GLU C 96 -9.25 21.27 -10.29
C GLU C 96 -8.63 19.89 -10.57
N ALA C 97 -7.32 19.83 -10.62
CA ALA C 97 -6.63 18.53 -10.71
C ALA C 97 -5.27 18.65 -10.03
N GLY C 98 -4.74 17.53 -9.57
CA GLY C 98 -3.38 17.49 -9.07
C GLY C 98 -2.74 16.16 -9.34
N ARG C 99 -1.42 16.19 -9.51
CA ARG C 99 -0.58 14.98 -9.63
C ARG C 99 0.56 15.15 -8.64
N PHE C 100 0.89 14.09 -7.94
CA PHE C 100 1.94 14.13 -6.91
C PHE C 100 2.85 12.93 -7.07
N PHE C 101 4.08 13.07 -6.65
CA PHE C 101 5.10 12.02 -6.58
C PHE C 101 5.90 12.14 -5.30
N LEU C 102 6.61 11.10 -4.97
CA LEU C 102 7.75 11.23 -4.06
C LEU C 102 8.98 11.75 -4.81
N SER C 103 9.74 12.59 -4.18
CA SER C 103 11.02 13.03 -4.69
C SER C 103 12.15 12.63 -3.80
N LEU C 104 13.31 12.43 -4.37
CA LEU C 104 14.59 12.10 -3.72
C LEU C 104 15.51 13.30 -3.80
N ASN C 105 15.75 13.91 -2.66
CA ASN C 105 16.72 15.01 -2.46
C ASN C 105 16.32 16.37 -3.00
N THR C 106 15.76 16.41 -4.19
N THR C 106 15.76 16.43 -4.19
CA THR C 106 15.31 17.67 -4.82
CA THR C 106 15.31 17.68 -4.82
C THR C 106 13.98 17.39 -5.49
C THR C 106 13.96 17.39 -5.45
N PRO C 107 13.04 18.35 -5.50
CA PRO C 107 11.71 18.11 -6.05
C PRO C 107 11.64 17.55 -7.47
N ALA C 108 12.53 17.94 -8.34
CA ALA C 108 12.46 17.44 -9.74
C ALA C 108 12.70 15.93 -9.81
N ASN C 109 13.38 15.39 -8.84
CA ASN C 109 13.89 14.01 -8.90
C ASN C 109 12.84 13.02 -8.43
N ILE C 110 11.80 12.89 -9.19
CA ILE C 110 10.64 12.09 -8.82
C ILE C 110 10.97 10.61 -8.95
N ILE C 111 10.38 9.83 -8.08
CA ILE C 111 10.65 8.39 -7.98
C ILE C 111 9.60 7.60 -8.74
N PRO C 112 10.03 6.73 -9.71
CA PRO C 112 9.03 5.98 -10.47
C PRO C 112 8.17 5.10 -9.55
N GLY C 113 6.89 5.03 -9.93
CA GLY C 113 5.92 4.22 -9.22
C GLY C 113 5.24 4.93 -8.10
N SER C 114 5.60 6.16 -7.83
CA SER C 114 5.11 6.93 -6.67
C SER C 114 4.04 7.93 -7.03
N GLY C 115 3.48 7.87 -8.23
CA GLY C 115 2.43 8.82 -8.58
C GLY C 115 1.10 8.65 -7.89
N THR C 116 0.41 9.74 -7.63
CA THR C 116 -1.00 9.80 -7.33
C THR C 116 -1.62 10.91 -8.17
N ALA C 117 -2.90 10.84 -8.38
CA ALA C 117 -3.61 11.84 -9.17
C ALA C 117 -5.05 12.00 -8.71
N VAL C 118 -5.53 13.24 -8.75
N VAL C 118 -5.57 13.21 -8.81
CA VAL C 118 -6.96 13.55 -8.54
CA VAL C 118 -6.98 13.53 -8.46
C VAL C 118 -7.44 14.50 -9.62
C VAL C 118 -7.50 14.57 -9.46
N ARG C 119 -8.74 14.48 -9.89
CA ARG C 119 -9.39 15.47 -10.80
C ARG C 119 -10.82 15.73 -10.31
N SER C 120 -11.27 16.98 -10.25
CA SER C 120 -12.69 17.29 -9.91
C SER C 120 -13.65 16.81 -11.02
N THR C 125 -16.91 16.53 -5.26
CA THR C 125 -17.01 17.32 -4.00
C THR C 125 -17.02 16.37 -2.80
N GLY C 126 -16.28 16.71 -1.74
CA GLY C 126 -16.16 15.84 -0.56
C GLY C 126 -14.72 15.38 -0.41
N GLU C 127 -14.25 15.21 0.84
CA GLU C 127 -12.84 14.79 1.09
C GLU C 127 -12.59 13.46 0.37
N VAL C 128 -11.53 13.39 -0.43
CA VAL C 128 -11.17 12.13 -1.15
C VAL C 128 -9.72 11.78 -0.81
N ASP C 129 -9.41 10.48 -0.72
CA ASP C 129 -8.08 10.06 -0.37
C ASP C 129 -7.44 9.42 -1.60
N VAL C 130 -6.14 9.56 -1.71
CA VAL C 130 -5.34 8.86 -2.71
C VAL C 130 -4.17 8.23 -1.97
N SER C 131 -3.74 7.07 -2.40
CA SER C 131 -2.56 6.43 -1.84
C SER C 131 -1.61 6.03 -2.94
N SER C 132 -0.33 6.13 -2.73
CA SER C 132 0.68 5.65 -3.66
C SER C 132 0.81 4.15 -3.51
N GLY C 133 1.59 3.55 -4.41
CA GLY C 133 2.14 2.25 -4.14
C GLY C 133 3.31 2.30 -3.18
N VAL C 134 3.87 1.13 -2.97
CA VAL C 134 5.04 0.93 -2.10
C VAL C 134 6.25 0.79 -2.98
N ILE C 135 7.17 1.72 -2.94
N ILE C 135 7.21 1.67 -2.91
CA ILE C 135 8.42 1.65 -3.74
CA ILE C 135 8.40 1.62 -3.76
C ILE C 135 9.49 0.99 -2.89
C ILE C 135 9.57 1.10 -2.96
N LEU C 136 10.28 0.10 -3.46
CA LEU C 136 11.52 -0.37 -2.83
C LEU C 136 12.67 0.34 -3.47
N ILE C 137 13.57 0.88 -2.68
CA ILE C 137 14.63 1.73 -3.20
C ILE C 137 15.83 1.71 -2.29
N ASN C 138 17.02 1.68 -2.83
CA ASN C 138 18.28 1.88 -2.10
C ASN C 138 18.39 3.34 -1.74
N LEU C 139 18.65 3.63 -0.46
CA LEU C 139 18.86 5.01 0.00
C LEU C 139 20.13 5.08 0.82
N ASN C 140 20.63 6.30 0.94
CA ASN C 140 21.95 6.60 1.52
C ASN C 140 21.79 7.72 2.54
N PRO C 141 22.74 7.74 3.50
CA PRO C 141 22.77 8.84 4.46
C PRO C 141 22.63 10.19 3.77
N GLY C 142 21.75 11.03 4.33
CA GLY C 142 21.51 12.39 3.82
C GLY C 142 20.34 12.46 2.89
N ASP C 143 19.90 11.32 2.34
CA ASP C 143 18.81 11.37 1.35
C ASP C 143 17.53 11.90 1.99
N LEU C 144 16.76 12.70 1.28
CA LEU C 144 15.57 13.34 1.76
C LEU C 144 14.39 12.95 0.90
N ILE C 145 13.43 12.29 1.52
CA ILE C 145 12.20 11.84 0.85
C ILE C 145 11.06 12.82 1.14
N GLN C 146 10.44 13.33 0.08
CA GLN C 146 9.40 14.33 0.21
C GLN C 146 8.25 14.03 -0.74
N ILE C 147 7.07 14.55 -0.48
CA ILE C 147 5.90 14.48 -1.33
C ILE C 147 5.78 15.82 -2.07
N VAL C 148 5.79 15.81 -3.40
CA VAL C 148 5.74 17.05 -4.20
C VAL C 148 4.59 17.01 -5.17
N PRO C 149 3.85 18.11 -5.34
CA PRO C 149 2.97 18.24 -6.47
C PRO C 149 3.79 18.52 -7.75
N VAL C 150 3.45 17.80 -8.82
CA VAL C 150 4.16 17.96 -10.10
C VAL C 150 3.30 18.54 -11.21
N GLU C 151 1.97 18.57 -11.05
N GLU C 151 1.99 18.55 -11.04
CA GLU C 151 0.96 19.12 -12.00
CA GLU C 151 0.99 19.16 -11.96
C GLU C 151 -0.24 19.61 -11.19
C GLU C 151 -0.15 19.66 -11.11
N LEU C 152 -0.64 20.85 -11.39
CA LEU C 152 -1.82 21.41 -10.70
C LEU C 152 -2.66 22.22 -11.68
N ILE C 153 -3.95 21.99 -11.63
CA ILE C 153 -4.96 22.79 -12.37
C ILE C 153 -5.87 23.36 -11.28
N GLY C 154 -5.95 24.67 -11.17
CA GLY C 154 -6.77 25.28 -10.14
C GLY C 154 -6.17 25.12 -8.77
N THR C 155 -6.97 25.40 -7.75
CA THR C 155 -6.55 25.35 -6.33
C THR C 155 -6.81 23.95 -5.77
N VAL C 156 -5.77 23.33 -5.21
CA VAL C 156 -5.90 21.94 -4.69
C VAL C 156 -5.66 21.97 -3.18
N ASP C 157 -6.68 21.67 -2.38
CA ASP C 157 -6.57 21.76 -0.90
C ASP C 157 -6.17 20.40 -0.33
N ILE C 158 -4.93 20.29 0.17
N ILE C 158 -4.94 20.29 0.18
CA ILE C 158 -4.47 19.01 0.80
CA ILE C 158 -4.48 19.01 0.80
C ILE C 158 -4.91 19.03 2.26
C ILE C 158 -4.90 19.02 2.26
N ARG C 159 -6.06 18.43 2.56
CA ARG C 159 -6.58 18.43 3.95
C ARG C 159 -5.65 17.66 4.89
N ALA C 160 -5.05 16.58 4.40
CA ALA C 160 -4.17 15.75 5.26
C ALA C 160 -3.16 15.00 4.38
N ALA C 161 -2.09 14.52 5.00
CA ALA C 161 -1.05 13.80 4.24
C ALA C 161 -0.28 12.89 5.19
N ALA C 162 0.32 11.83 4.67
CA ALA C 162 1.17 10.97 5.52
C ALA C 162 2.25 10.34 4.66
N LEU C 163 3.44 10.17 5.14
CA LEU C 163 4.63 9.63 4.50
C LEU C 163 5.18 8.49 5.34
N THR C 164 5.44 7.37 4.70
CA THR C 164 5.88 6.14 5.32
C THR C 164 7.23 5.71 4.80
N VAL C 165 8.24 5.56 5.62
CA VAL C 165 9.58 5.11 5.27
C VAL C 165 9.97 3.96 6.19
N ALA C 166 10.33 2.81 5.67
CA ALA C 166 10.72 1.70 6.55
C ALA C 166 11.82 0.91 5.91
N GLN C 167 12.90 0.65 6.60
CA GLN C 167 14.00 -0.14 6.09
C GLN C 167 13.57 -1.59 5.98
N ILE C 168 13.83 -2.22 4.83
CA ILE C 168 13.59 -3.66 4.68
C ILE C 168 14.89 -4.45 4.71
N SER C 169 16.03 -3.89 4.39
CA SER C 169 17.30 -4.62 4.33
C SER C 169 18.47 -3.69 4.55
N ARG C 170 19.61 -4.30 4.92
CA ARG C 170 20.87 -3.53 4.92
C ARG C 170 21.30 -3.55 3.45
N PRO C 171 22.28 -2.75 2.98
CA PRO C 171 22.64 -2.76 1.55
C PRO C 171 22.98 -4.19 1.09
N HIS C 172 22.51 -4.57 -0.11
CA HIS C 172 22.72 -5.96 -0.59
C HIS C 172 23.91 -6.02 -1.56
N HIS C 173 24.58 -7.17 -1.64
CA HIS C 173 25.79 -7.28 -2.49
C HIS C 173 25.76 -8.60 -3.27
N GLN D 1 15.73 -28.16 0.95
CA GLN D 1 14.78 -27.28 0.30
C GLN D 1 13.50 -27.18 1.14
N GLU D 2 13.11 -25.96 1.46
CA GLU D 2 11.91 -25.69 2.28
C GLU D 2 10.77 -25.20 1.38
N ASP D 3 9.57 -25.76 1.58
CA ASP D 3 8.40 -25.39 0.77
C ASP D 3 7.13 -25.47 1.62
N PHE D 4 6.18 -24.56 1.40
CA PHE D 4 4.87 -24.70 2.09
C PHE D 4 4.14 -25.84 1.39
N SER D 5 3.27 -26.56 2.10
CA SER D 5 2.48 -27.64 1.45
C SER D 5 1.15 -27.84 2.18
N SER D 6 0.28 -28.69 1.64
CA SER D 6 -0.98 -29.02 2.33
C SER D 6 -0.65 -29.78 3.62
N ASP D 7 0.58 -30.31 3.72
CA ASP D 7 1.00 -31.07 4.93
C ASP D 7 1.63 -30.10 5.94
N SER D 8 1.93 -28.87 5.52
CA SER D 8 2.47 -27.85 6.47
C SER D 8 1.56 -27.83 7.72
N SER D 9 2.16 -27.77 8.90
CA SER D 9 1.40 -27.75 10.19
C SER D 9 1.47 -26.35 10.81
N PHE D 10 0.32 -25.83 11.25
CA PHE D 10 0.22 -24.53 12.00
C PHE D 10 -0.45 -24.75 13.37
N SER D 11 -0.26 -23.73 14.23
CA SER D 11 -0.56 -23.79 15.68
C SER D 11 -1.94 -24.42 15.93
C1 GOL E . -6.80 3.60 -4.40
C1 GOL E . -6.17 5.45 -4.18
O1 GOL E . -7.75 3.91 -3.40
O1 GOL E . -5.93 6.60 -5.00
C2 GOL E . -5.53 4.39 -4.14
C2 GOL E . -5.41 4.23 -4.68
O2 GOL E . -4.58 4.08 -5.17
O2 GOL E . -5.85 3.06 -3.97
C3 GOL E . -5.78 5.89 -4.05
C3 GOL E . -5.42 4.11 -6.20
O3 GOL E . -5.05 6.61 -5.06
O3 GOL E . -6.15 3.04 -6.78
CA CA F . -2.02 1.86 -1.75
#